data_6FUK
#
_entry.id   6FUK
#
_cell.length_a   80.417
_cell.length_b   83.261
_cell.length_c   92.898
_cell.angle_alpha   90.00
_cell.angle_beta   90.00
_cell.angle_gamma   90.00
#
_symmetry.space_group_name_H-M   'P 21 21 21'
#
loop_
_entity.id
_entity.type
_entity.pdbx_description
1 polymer 'Lysine-specific demethylase 6A'
2 non-polymer 'MANGANESE (II) ION'
3 non-polymer '8-hydroxyquinoline-5-carboxylic acid'
4 non-polymer 'ZINC ION'
5 non-polymer 'SULFATE ION'
6 non-polymer DI(HYDROXYETHYL)ETHER
7 non-polymer 2-(2-METHOXYETHOXY)ETHANOL
8 water water
#
_entity_poly.entity_id   1
_entity_poly.type   'polypeptide(L)'
_entity_poly.pdbx_seq_one_letter_code
;GPGYQDPNSQIIPSMSVSIYPSSAEVLKACRNLGKNGLSNSSILLDKCPPPRPPSSPYPPLPKDKLNPPTPSIYLENKRD
AFFPPLHQFCTNPNNPVTVIRGLAGALKLDLGLFSTKTLVEANNEHMVEVRTQLLQPADENWDPTGTKKIWHCESNRSHT
TIAKYAQYQASSFQESLREENEKRSHHKDHSDSESTSSDNSGRRRKGPFKTIKFGTNIDLSDDKKWKLQLHELTKLPAFV
RVVSAGNLLSHVGHTILGMNTVQLYMKVPGSRTPGHQENNNFCSVNINIGPGDCEWFVVPEGYWGVLNDFCEKNNLNFLM
GSWWPNLEDLYEANVPVYRFIQRPGDLVWINAGTVHWVQAIGWCNNIAWNVGPLTACQYKLAVERYEWNKLQSVKSIVPM
VHLSWNMARNIKVSDPKLFEMIKYCLLRTLKQCQTLREALIAAGKEIIWHGRTKEEPAHYCSICEVEVFDLLFVTNESNS
RKTYIVHCQDCARKTSGNLENFVVLEQYKMEDLMQVYDQFTLAPPLPSASS
;
_entity_poly.pdbx_strand_id   A
#
loop_
_chem_comp.id
_chem_comp.type
_chem_comp.name
_chem_comp.formula
8XQ non-polymer '8-hydroxyquinoline-5-carboxylic acid' 'C10 H7 N O3'
MN non-polymer 'MANGANESE (II) ION' 'Mn 2'
PEG non-polymer DI(HYDROXYETHYL)ETHER 'C4 H10 O3'
PG0 non-polymer 2-(2-METHOXYETHOXY)ETHANOL 'C5 H12 O3'
SO4 non-polymer 'SULFATE ION' 'O4 S -2'
ZN non-polymer 'ZINC ION' 'Zn 2'
#
# COMPACT_ATOMS: atom_id res chain seq x y z
N SER A 16 7.32 30.60 -13.91
CA SER A 16 7.03 29.23 -14.35
C SER A 16 7.81 28.87 -15.62
N VAL A 17 9.09 28.53 -15.46
CA VAL A 17 9.92 28.05 -16.55
C VAL A 17 9.78 26.54 -16.66
N SER A 18 9.49 26.04 -17.85
CA SER A 18 9.32 24.60 -18.05
C SER A 18 10.66 23.98 -18.44
N ILE A 19 11.00 22.87 -17.78
CA ILE A 19 12.31 22.22 -17.95
C ILE A 19 12.20 20.91 -18.70
N TYR A 20 11.01 20.56 -19.18
CA TYR A 20 10.78 19.28 -19.84
C TYR A 20 10.49 19.48 -21.33
N PRO A 21 10.97 18.57 -22.18
CA PRO A 21 10.67 18.68 -23.60
C PRO A 21 9.19 18.48 -23.88
N SER A 22 8.74 19.03 -25.00
CA SER A 22 7.38 18.77 -25.45
C SER A 22 7.27 17.33 -25.96
N SER A 23 6.02 16.84 -26.01
CA SER A 23 5.79 15.49 -26.52
C SER A 23 6.25 15.35 -27.98
N ALA A 24 5.99 16.36 -28.81
CA ALA A 24 6.56 16.36 -30.16
C ALA A 24 8.07 16.14 -30.14
N GLU A 25 8.76 16.88 -29.27
CA GLU A 25 10.22 16.75 -29.20
C GLU A 25 10.61 15.34 -28.81
N VAL A 26 9.90 14.75 -27.84
CA VAL A 26 10.20 13.38 -27.43
C VAL A 26 10.02 12.43 -28.60
N LEU A 27 8.90 12.59 -29.33
CA LEU A 27 8.60 11.71 -30.44
C LEU A 27 9.66 11.81 -31.53
N LYS A 28 10.00 13.04 -31.92
CA LYS A 28 11.03 13.24 -32.95
C LYS A 28 12.35 12.57 -32.54
N ALA A 29 12.66 12.56 -31.25
CA ALA A 29 13.91 11.97 -30.79
C ALA A 29 13.86 10.45 -30.80
N CYS A 30 12.65 9.87 -30.68
CA CYS A 30 12.48 8.43 -30.76
C CYS A 30 12.52 7.91 -32.20
N ARG A 31 12.15 8.74 -33.17
CA ARG A 31 12.24 8.33 -34.58
C ARG A 31 13.69 8.21 -35.03
N ASN A 32 14.50 9.22 -34.72
CA ASN A 32 15.89 9.30 -35.16
C ASN A 32 16.77 8.23 -34.52
N LEU A 33 16.84 7.05 -35.12
CA LEU A 33 17.71 5.98 -34.63
C LEU A 33 19.09 6.06 -35.29
N SER A 39 25.10 9.82 -33.34
CA SER A 39 24.73 10.92 -34.25
C SER A 39 24.26 12.19 -33.51
N ASN A 40 23.06 12.14 -32.92
CA ASN A 40 22.37 13.31 -32.40
C ASN A 40 22.62 13.47 -30.90
N SER A 41 22.25 14.66 -30.38
CA SER A 41 22.28 14.92 -28.95
C SER A 41 21.12 14.20 -28.25
N SER A 42 21.30 13.94 -26.96
CA SER A 42 20.32 13.22 -26.17
C SER A 42 19.28 14.17 -25.58
N ILE A 43 18.12 13.60 -25.23
CA ILE A 43 17.08 14.30 -24.49
C ILE A 43 17.37 14.25 -22.99
N LEU A 44 17.61 13.04 -22.47
CA LEU A 44 17.85 12.82 -21.07
C LEU A 44 18.72 11.57 -20.89
N LEU A 45 19.23 11.39 -19.69
CA LEU A 45 20.07 10.24 -19.35
C LEU A 45 19.15 9.07 -18.99
N ASP A 46 18.96 8.15 -19.94
CA ASP A 46 18.05 7.03 -19.71
C ASP A 46 18.49 6.18 -18.53
N LYS A 47 19.79 5.89 -18.44
CA LYS A 47 20.33 5.18 -17.28
C LYS A 47 19.91 5.92 -16.00
N CYS A 48 19.76 5.15 -14.91
CA CYS A 48 19.23 5.71 -13.68
C CYS A 48 19.73 4.89 -12.51
N PRO A 49 20.12 5.52 -11.40
CA PRO A 49 20.67 4.76 -10.26
C PRO A 49 19.66 3.78 -9.72
N PRO A 50 20.02 2.50 -9.62
CA PRO A 50 19.04 1.50 -9.18
C PRO A 50 18.76 1.62 -7.69
N PRO A 51 17.56 1.27 -7.25
CA PRO A 51 17.22 1.40 -5.84
C PRO A 51 18.05 0.45 -4.97
N ARG A 52 18.14 0.80 -3.70
CA ARG A 52 18.89 0.04 -2.70
C ARG A 52 18.31 0.35 -1.32
N PRO A 53 18.56 -0.50 -0.32
CA PRO A 53 18.07 -0.20 1.04
C PRO A 53 18.98 0.79 1.73
N PRO A 54 18.42 1.79 2.41
CA PRO A 54 19.26 2.84 2.98
C PRO A 54 20.11 2.33 4.14
N SER A 55 21.24 2.97 4.33
CA SER A 55 22.06 2.71 5.51
C SER A 55 21.39 3.30 6.75
N SER A 56 21.88 2.91 7.91
CA SER A 56 21.26 3.39 9.14
C SER A 56 21.34 4.91 9.18
N PRO A 57 20.26 5.59 9.56
CA PRO A 57 20.21 7.04 9.44
C PRO A 57 21.35 7.74 10.18
N TYR A 58 21.66 8.95 9.69
CA TYR A 58 22.61 9.86 10.29
C TYR A 58 21.92 11.18 10.62
N PRO A 59 22.11 11.74 11.82
CA PRO A 59 23.00 11.21 12.85
C PRO A 59 22.39 10.04 13.59
N PRO A 60 23.21 9.17 14.18
CA PRO A 60 22.68 8.07 14.97
C PRO A 60 22.09 8.58 16.27
N LEU A 61 21.24 7.75 16.86
CA LEU A 61 20.52 8.11 18.07
C LEU A 61 21.12 7.38 19.26
N PRO A 62 21.37 8.10 20.36
CA PRO A 62 21.82 7.46 21.59
C PRO A 62 20.71 6.66 22.26
N LYS A 63 21.12 5.80 23.21
CA LYS A 63 20.18 4.86 23.82
C LYS A 63 19.00 5.56 24.47
N ASP A 64 19.22 6.73 25.07
CA ASP A 64 18.14 7.46 25.73
C ASP A 64 17.12 8.04 24.76
N LYS A 65 17.29 7.88 23.44
CA LYS A 65 16.29 8.35 22.47
C LYS A 65 15.64 7.20 21.71
N LEU A 66 15.75 5.97 22.19
CA LEU A 66 15.22 4.84 21.44
C LEU A 66 13.81 4.42 21.88
N ASN A 67 13.19 5.14 22.80
CA ASN A 67 11.80 4.87 23.22
C ASN A 67 10.99 6.15 23.21
N PRO A 68 10.85 6.79 22.05
CA PRO A 68 10.25 8.13 22.05
C PRO A 68 8.75 8.04 22.27
N PRO A 69 8.14 9.09 22.82
CA PRO A 69 6.68 9.07 23.00
C PRO A 69 5.98 9.22 21.66
N THR A 70 4.69 8.81 21.64
CA THR A 70 3.95 8.76 20.37
C THR A 70 3.30 10.10 20.09
N PRO A 71 3.47 10.67 18.90
CA PRO A 71 2.71 11.87 18.54
C PRO A 71 1.22 11.62 18.68
N SER A 72 0.55 12.53 19.40
CA SER A 72 -0.81 12.33 19.88
C SER A 72 -1.65 13.57 19.62
N ILE A 73 -2.88 13.35 19.19
CA ILE A 73 -3.90 14.38 19.06
C ILE A 73 -5.05 13.99 19.96
N TYR A 74 -5.51 14.93 20.78
CA TYR A 74 -6.55 14.67 21.78
C TYR A 74 -7.79 15.43 21.34
N LEU A 75 -8.75 14.71 20.79
CA LEU A 75 -9.97 15.31 20.28
C LEU A 75 -11.02 15.32 21.38
N GLU A 76 -11.80 16.40 21.43
CA GLU A 76 -12.97 16.49 22.32
C GLU A 76 -14.25 16.71 21.55
N ASN A 77 -14.27 17.63 20.59
CA ASN A 77 -15.45 18.04 19.86
C ASN A 77 -15.34 17.63 18.40
N LYS A 78 -16.49 17.47 17.74
CA LYS A 78 -16.53 17.23 16.30
C LYS A 78 -15.72 18.29 15.58
N ARG A 79 -15.79 19.52 16.06
CA ARG A 79 -15.04 20.62 15.47
C ARG A 79 -13.53 20.39 15.53
N ASP A 80 -13.01 19.83 16.63
CA ASP A 80 -11.58 19.54 16.69
C ASP A 80 -11.13 18.63 15.56
N ALA A 81 -11.99 17.69 15.15
CA ALA A 81 -11.61 16.72 14.13
C ALA A 81 -11.37 17.39 12.78
N PHE A 82 -12.07 18.48 12.50
CA PHE A 82 -11.99 19.14 11.20
C PHE A 82 -11.01 20.30 11.18
N PHE A 83 -10.23 20.46 12.24
CA PHE A 83 -9.18 21.47 12.31
C PHE A 83 -8.13 21.19 11.23
N PRO A 84 -7.83 22.14 10.33
CA PRO A 84 -6.90 21.87 9.20
C PRO A 84 -5.51 21.44 9.64
N PRO A 85 -4.95 22.02 10.70
CA PRO A 85 -3.60 21.58 11.13
C PRO A 85 -3.51 20.09 11.46
N LEU A 86 -4.61 19.39 11.72
CA LEU A 86 -4.50 17.95 12.00
C LEU A 86 -3.86 17.22 10.82
N HIS A 87 -4.29 17.58 9.61
CA HIS A 87 -3.76 17.00 8.37
C HIS A 87 -2.25 17.10 8.29
N GLN A 88 -1.72 18.32 8.47
CA GLN A 88 -0.28 18.56 8.38
C GLN A 88 0.48 17.89 9.50
N PHE A 89 -0.12 17.82 10.70
CA PHE A 89 0.53 17.11 11.79
C PHE A 89 0.71 15.63 11.46
N CYS A 90 -0.32 15.00 10.88
CA CYS A 90 -0.24 13.57 10.55
C CYS A 90 0.73 13.31 9.41
N THR A 91 0.77 14.17 8.39
CA THR A 91 1.66 13.89 7.27
C THR A 91 3.09 14.35 7.52
N ASN A 92 3.36 15.11 8.57
CA ASN A 92 4.70 15.58 8.87
C ASN A 92 5.70 14.41 8.83
N PRO A 93 6.69 14.43 7.94
CA PRO A 93 7.67 13.32 7.90
C PRO A 93 8.31 13.00 9.23
N ASN A 94 8.42 13.96 10.14
CA ASN A 94 9.06 13.68 11.42
C ASN A 94 8.18 12.87 12.35
N ASN A 95 6.90 12.70 12.02
CA ASN A 95 5.99 11.90 12.84
C ASN A 95 5.72 10.58 12.13
N PRO A 96 6.38 9.49 12.51
CA PRO A 96 6.18 8.22 11.79
C PRO A 96 4.78 7.67 11.97
N VAL A 97 4.12 8.01 13.09
CA VAL A 97 2.80 7.51 13.41
C VAL A 97 2.13 8.61 14.23
N THR A 98 0.79 8.68 14.15
CA THR A 98 0.01 9.58 14.98
C THR A 98 -1.20 8.83 15.50
N VAL A 99 -1.47 8.93 16.78
CA VAL A 99 -2.68 8.38 17.36
C VAL A 99 -3.62 9.55 17.65
N ILE A 100 -4.81 9.48 17.07
CA ILE A 100 -5.84 10.49 17.26
C ILE A 100 -6.80 9.92 18.29
N ARG A 101 -6.67 10.40 19.52
CA ARG A 101 -7.42 9.89 20.65
C ARG A 101 -8.84 10.43 20.63
N GLY A 102 -9.81 9.55 20.87
CA GLY A 102 -11.19 10.01 21.02
C GLY A 102 -11.84 10.39 19.73
N LEU A 103 -11.32 9.87 18.61
CA LEU A 103 -11.89 10.18 17.30
C LEU A 103 -13.35 9.74 17.19
N ALA A 104 -13.65 8.49 17.55
CA ALA A 104 -15.02 8.02 17.35
C ALA A 104 -16.00 8.84 18.18
N GLY A 105 -15.61 9.20 19.41
CA GLY A 105 -16.51 9.90 20.31
C GLY A 105 -16.77 11.33 19.88
N ALA A 106 -15.72 12.03 19.43
CA ALA A 106 -15.87 13.40 18.96
C ALA A 106 -16.81 13.50 17.74
N LEU A 107 -16.75 12.51 16.84
CA LEU A 107 -17.62 12.50 15.66
C LEU A 107 -18.93 11.77 15.88
N LYS A 108 -19.10 11.17 17.06
CA LYS A 108 -20.27 10.34 17.36
C LYS A 108 -20.45 9.24 16.32
N LEU A 109 -19.33 8.63 15.93
CA LEU A 109 -19.36 7.43 15.11
C LEU A 109 -20.00 6.28 15.86
N ASP A 110 -20.89 5.55 15.18
CA ASP A 110 -21.51 4.35 15.75
C ASP A 110 -20.61 3.14 15.47
N LEU A 111 -19.65 2.88 16.38
CA LEU A 111 -18.80 1.71 16.26
C LEU A 111 -19.59 0.41 16.35
N GLY A 112 -20.80 0.44 16.93
CA GLY A 112 -21.65 -0.75 16.97
C GLY A 112 -21.95 -1.33 15.59
N LEU A 113 -21.94 -0.50 14.55
CA LEU A 113 -22.11 -0.99 13.19
C LEU A 113 -21.04 -2.00 12.78
N PHE A 114 -19.91 -2.04 13.50
CA PHE A 114 -18.80 -2.93 13.18
C PHE A 114 -18.59 -3.98 14.27
N SER A 115 -19.52 -4.08 15.21
CA SER A 115 -19.42 -5.13 16.23
C SER A 115 -19.64 -6.49 15.57
N THR A 116 -19.07 -7.52 16.19
CA THR A 116 -19.21 -8.86 15.65
C THR A 116 -20.68 -9.25 15.54
N LYS A 117 -21.48 -8.88 16.53
CA LYS A 117 -22.91 -9.18 16.50
C LYS A 117 -23.57 -8.54 15.29
N THR A 118 -23.31 -7.25 15.06
CA THR A 118 -23.90 -6.61 13.89
C THR A 118 -23.42 -7.25 12.58
N LEU A 119 -22.14 -7.64 12.53
CA LEU A 119 -21.60 -8.20 11.29
C LEU A 119 -22.25 -9.55 10.98
N VAL A 120 -22.39 -10.41 11.99
CA VAL A 120 -23.04 -11.70 11.82
C VAL A 120 -24.45 -11.51 11.30
N GLU A 121 -25.21 -10.58 11.90
CA GLU A 121 -26.56 -10.29 11.42
C GLU A 121 -26.56 -9.86 9.97
N ALA A 122 -25.53 -9.15 9.52
CA ALA A 122 -25.55 -8.58 8.18
C ALA A 122 -25.15 -9.60 7.11
N ASN A 123 -24.07 -10.35 7.32
CA ASN A 123 -23.57 -11.26 6.28
C ASN A 123 -22.86 -12.44 6.96
N ASN A 124 -23.65 -13.34 7.54
CA ASN A 124 -23.04 -14.38 8.35
C ASN A 124 -22.22 -15.37 7.53
N GLU A 125 -22.40 -15.40 6.22
CA GLU A 125 -21.65 -16.33 5.38
C GLU A 125 -20.42 -15.69 4.73
N HIS A 126 -20.17 -14.41 5.01
CA HIS A 126 -19.06 -13.70 4.41
C HIS A 126 -17.72 -14.34 4.74
N MET A 127 -16.81 -14.33 3.77
CA MET A 127 -15.53 -15.00 3.94
C MET A 127 -14.62 -14.26 4.92
N VAL A 128 -13.83 -15.04 5.65
CA VAL A 128 -12.82 -14.57 6.59
C VAL A 128 -11.55 -15.36 6.33
N GLU A 129 -10.44 -14.67 6.06
CA GLU A 129 -9.16 -15.35 6.01
C GLU A 129 -8.63 -15.50 7.44
N VAL A 130 -8.30 -16.73 7.81
CA VAL A 130 -7.91 -17.07 9.17
C VAL A 130 -6.41 -17.26 9.19
N ARG A 131 -5.75 -16.63 10.16
CA ARG A 131 -4.34 -16.92 10.44
C ARG A 131 -4.27 -17.61 11.78
N THR A 132 -3.68 -18.81 11.79
CA THR A 132 -3.53 -19.60 13.01
C THR A 132 -2.13 -19.39 13.51
N GLN A 133 -2.00 -18.97 14.76
CA GLN A 133 -0.77 -18.46 15.32
C GLN A 133 -0.57 -19.06 16.71
N LEU A 134 0.62 -18.83 17.27
CA LEU A 134 0.91 -19.20 18.66
C LEU A 134 0.75 -17.97 19.53
N LEU A 135 0.08 -18.14 20.67
CA LEU A 135 -0.08 -17.07 21.66
C LEU A 135 1.25 -16.87 22.38
N GLN A 136 1.95 -15.76 22.04
CA GLN A 136 3.27 -15.37 22.48
C GLN A 136 3.18 -14.39 23.64
N PRO A 137 4.18 -14.35 24.51
CA PRO A 137 4.12 -13.50 25.69
C PRO A 137 4.59 -12.08 25.42
N ALA A 138 3.80 -11.12 25.93
CA ALA A 138 4.10 -9.69 25.87
C ALA A 138 4.53 -9.27 24.47
N ASP A 139 5.77 -8.80 24.33
CA ASP A 139 6.27 -8.27 23.07
C ASP A 139 7.24 -9.21 22.38
N GLU A 140 7.35 -10.44 22.85
CA GLU A 140 8.38 -11.39 22.42
C GLU A 140 7.83 -12.38 21.39
N ASN A 141 8.74 -13.04 20.68
CA ASN A 141 8.36 -14.10 19.76
C ASN A 141 9.34 -15.26 19.90
N TRP A 142 8.86 -16.39 20.43
CA TRP A 142 9.68 -17.57 20.64
C TRP A 142 9.41 -18.61 19.57
N ASP A 143 10.45 -19.41 19.27
CA ASP A 143 10.24 -20.60 18.47
C ASP A 143 9.20 -21.49 19.15
N PRO A 144 8.60 -22.42 18.41
CA PRO A 144 7.45 -23.16 18.96
C PRO A 144 7.79 -24.00 20.19
N THR A 145 9.08 -24.27 20.45
CA THR A 145 9.50 -25.04 21.61
C THR A 145 9.81 -24.17 22.83
N GLY A 146 9.62 -22.85 22.75
CA GLY A 146 9.87 -22.00 23.89
C GLY A 146 11.33 -21.95 24.28
N THR A 147 12.23 -22.12 23.33
CA THR A 147 13.65 -22.29 23.61
C THR A 147 14.47 -21.03 23.39
N LYS A 148 14.15 -20.24 22.38
CA LYS A 148 14.88 -19.01 22.11
C LYS A 148 13.99 -18.05 21.32
N LYS A 149 14.29 -16.76 21.44
CA LYS A 149 13.55 -15.75 20.69
C LYS A 149 14.01 -15.74 19.23
N ILE A 150 13.06 -15.79 18.31
CA ILE A 150 13.36 -15.77 16.88
C ILE A 150 12.49 -14.72 16.22
N TRP A 151 12.89 -14.33 15.00
CA TRP A 151 12.11 -13.38 14.21
C TRP A 151 10.96 -14.03 13.44
N HIS A 152 11.06 -15.30 13.03
CA HIS A 152 9.97 -15.86 12.24
C HIS A 152 8.68 -15.94 13.06
N CYS A 153 7.58 -15.52 12.43
CA CYS A 153 6.27 -15.42 13.09
C CYS A 153 5.32 -16.41 12.42
N GLU A 154 5.02 -17.53 13.12
CA GLU A 154 4.17 -18.57 12.55
C GLU A 154 2.75 -18.06 12.38
N SER A 155 2.24 -18.10 11.16
CA SER A 155 0.93 -17.49 10.88
C SER A 155 0.36 -18.17 9.62
N ASN A 156 -0.31 -19.30 9.83
CA ASN A 156 -0.75 -20.17 8.74
C ASN A 156 -2.17 -19.84 8.28
N ARG A 157 -2.39 -19.94 6.97
CA ARG A 157 -3.60 -19.44 6.32
C ARG A 157 -4.68 -20.51 6.19
N SER A 158 -5.92 -20.12 6.47
CA SER A 158 -7.10 -20.90 6.14
C SER A 158 -8.26 -19.93 5.92
N HIS A 159 -9.44 -20.46 5.67
CA HIS A 159 -10.59 -19.62 5.36
C HIS A 159 -11.83 -20.18 6.04
N THR A 160 -12.71 -19.27 6.46
CA THR A 160 -13.94 -19.62 7.17
C THR A 160 -14.98 -18.53 6.85
N THR A 161 -16.09 -18.53 7.59
CA THR A 161 -17.12 -17.52 7.44
C THR A 161 -17.16 -16.62 8.67
N ILE A 162 -17.82 -15.48 8.54
CA ILE A 162 -18.00 -14.59 9.69
C ILE A 162 -18.70 -15.33 10.82
N ALA A 163 -19.77 -16.07 10.50
CA ALA A 163 -20.52 -16.79 11.52
C ALA A 163 -19.60 -17.71 12.33
N LYS A 164 -18.75 -18.48 11.65
CA LYS A 164 -17.92 -19.43 12.37
C LYS A 164 -16.78 -18.75 13.12
N TYR A 165 -16.19 -17.68 12.57
CA TYR A 165 -15.17 -16.99 13.37
C TYR A 165 -15.81 -16.24 14.54
N ALA A 166 -16.98 -15.64 14.32
CA ALA A 166 -17.67 -14.98 15.43
C ALA A 166 -17.87 -15.94 16.59
N GLN A 167 -18.25 -17.18 16.27
CA GLN A 167 -18.49 -18.18 17.29
C GLN A 167 -17.22 -18.47 18.08
N TYR A 168 -16.09 -18.60 17.38
CA TYR A 168 -14.82 -18.81 18.08
C TYR A 168 -14.47 -17.60 18.94
N GLN A 169 -14.58 -16.39 18.39
CA GLN A 169 -14.22 -15.19 19.13
C GLN A 169 -15.01 -15.11 20.44
N ALA A 170 -16.30 -15.45 20.39
CA ALA A 170 -17.16 -15.37 21.58
C ALA A 170 -16.82 -16.48 22.59
N SER A 171 -16.61 -17.72 22.13
CA SER A 171 -16.30 -18.76 23.10
C SER A 171 -14.91 -18.57 23.68
N SER A 172 -13.97 -18.06 22.87
CA SER A 172 -12.66 -17.69 23.37
C SER A 172 -12.79 -16.76 24.56
N PHE A 173 -13.65 -15.75 24.43
CA PHE A 173 -13.88 -14.85 25.55
C PHE A 173 -14.48 -15.57 26.75
N GLN A 174 -15.34 -16.57 26.51
CA GLN A 174 -15.98 -17.25 27.64
C GLN A 174 -15.00 -18.14 28.40
N GLU A 175 -14.18 -18.90 27.67
CA GLU A 175 -13.14 -19.71 28.33
C GLU A 175 -12.28 -18.86 29.25
N SER A 176 -11.85 -17.67 28.79
CA SER A 176 -11.01 -16.83 29.62
C SER A 176 -11.76 -16.32 30.84
N LEU A 177 -13.06 -16.01 30.70
CA LEU A 177 -13.85 -15.58 31.84
C LEU A 177 -13.84 -16.64 32.95
N ARG A 178 -13.95 -17.91 32.57
CA ARG A 178 -13.90 -18.99 33.55
C ARG A 178 -12.59 -18.92 34.34
N GLU A 179 -11.48 -19.25 33.69
CA GLU A 179 -10.17 -19.17 34.34
C GLU A 179 -9.10 -18.81 33.34
N PRO A 208 5.54 -24.52 24.26
CA PRO A 208 4.32 -24.91 24.99
C PRO A 208 3.26 -23.81 25.00
N PHE A 209 2.89 -23.29 23.84
CA PHE A 209 1.97 -22.17 23.73
C PHE A 209 0.60 -22.63 23.27
N LYS A 210 -0.40 -21.81 23.59
CA LYS A 210 -1.75 -22.00 23.09
C LYS A 210 -1.83 -21.52 21.65
N THR A 211 -2.55 -22.27 20.82
CA THR A 211 -2.83 -21.86 19.46
C THR A 211 -4.05 -20.96 19.42
N ILE A 212 -3.96 -19.87 18.67
CA ILE A 212 -5.06 -18.92 18.50
C ILE A 212 -5.30 -18.70 17.01
N LYS A 213 -6.46 -18.11 16.72
CA LYS A 213 -6.89 -17.82 15.35
C LYS A 213 -7.28 -16.35 15.22
N PHE A 214 -6.82 -15.74 14.14
CA PHE A 214 -6.96 -14.32 13.89
C PHE A 214 -7.77 -14.15 12.61
N GLY A 215 -8.93 -13.49 12.70
CA GLY A 215 -9.76 -13.36 11.50
C GLY A 215 -9.38 -12.10 10.74
N THR A 216 -8.79 -12.25 9.56
CA THR A 216 -8.14 -11.12 8.92
C THR A 216 -8.68 -10.87 7.51
N ASN A 217 -8.34 -9.68 6.99
CA ASN A 217 -8.57 -9.30 5.59
C ASN A 217 -10.01 -9.52 5.14
N ILE A 218 -10.96 -9.14 5.98
CA ILE A 218 -12.37 -9.32 5.66
C ILE A 218 -12.82 -8.17 4.76
N ASP A 219 -13.31 -8.52 3.57
CA ASP A 219 -13.54 -7.55 2.49
C ASP A 219 -14.86 -6.82 2.74
N LEU A 220 -14.78 -5.51 2.99
CA LEU A 220 -15.96 -4.67 3.13
C LEU A 220 -16.15 -3.76 1.91
N SER A 221 -15.78 -4.22 0.73
CA SER A 221 -15.90 -3.37 -0.46
C SER A 221 -17.34 -3.26 -0.99
N ASP A 222 -18.18 -4.27 -0.77
CA ASP A 222 -19.48 -4.37 -1.46
C ASP A 222 -20.51 -3.49 -0.76
N ASP A 223 -20.85 -2.36 -1.38
CA ASP A 223 -21.76 -1.39 -0.78
C ASP A 223 -23.21 -1.88 -0.70
N LYS A 224 -23.55 -2.99 -1.34
CA LYS A 224 -24.87 -3.57 -1.14
C LYS A 224 -24.92 -4.57 0.00
N LYS A 225 -23.78 -4.95 0.56
CA LYS A 225 -23.77 -5.76 1.76
C LYS A 225 -23.46 -4.96 3.01
N TRP A 226 -22.83 -3.79 2.86
CA TRP A 226 -22.28 -3.04 3.98
C TRP A 226 -22.69 -1.58 3.92
N LYS A 227 -23.89 -1.29 3.39
CA LYS A 227 -24.27 0.09 3.13
C LYS A 227 -24.21 0.96 4.39
N LEU A 228 -24.69 0.43 5.51
CA LEU A 228 -24.69 1.23 6.74
C LEU A 228 -23.28 1.43 7.27
N GLN A 229 -22.47 0.37 7.26
CA GLN A 229 -21.08 0.48 7.69
C GLN A 229 -20.33 1.51 6.86
N LEU A 230 -20.40 1.42 5.54
CA LEU A 230 -19.60 2.31 4.70
C LEU A 230 -20.09 3.74 4.82
N HIS A 231 -21.40 3.94 4.96
CA HIS A 231 -21.92 5.28 5.12
C HIS A 231 -21.43 5.95 6.40
N GLU A 232 -21.28 5.18 7.48
CA GLU A 232 -20.80 5.76 8.72
C GLU A 232 -19.43 6.42 8.53
N LEU A 233 -18.58 5.79 7.73
CA LEU A 233 -17.21 6.30 7.52
C LEU A 233 -17.18 7.55 6.65
N THR A 234 -18.30 7.95 6.05
CA THR A 234 -18.33 9.23 5.34
C THR A 234 -18.36 10.41 6.30
N LYS A 235 -18.59 10.17 7.59
CA LYS A 235 -18.53 11.21 8.61
C LYS A 235 -17.11 11.68 8.90
N LEU A 236 -16.09 10.92 8.48
CA LEU A 236 -14.71 11.28 8.80
C LEU A 236 -14.27 12.53 8.03
N PRO A 237 -13.26 13.24 8.54
CA PRO A 237 -12.68 14.34 7.77
C PRO A 237 -11.99 13.82 6.51
N ALA A 238 -11.88 14.72 5.52
CA ALA A 238 -11.48 14.30 4.18
C ALA A 238 -10.15 13.54 4.20
N PHE A 239 -9.18 14.00 5.00
CA PHE A 239 -7.82 13.48 4.85
C PHE A 239 -7.68 12.02 5.30
N VAL A 240 -8.64 11.47 6.04
CA VAL A 240 -8.62 10.05 6.34
C VAL A 240 -9.72 9.26 5.63
N ARG A 241 -10.54 9.89 4.81
CA ARG A 241 -11.62 9.17 4.15
C ARG A 241 -11.10 8.15 3.12
N VAL A 242 -11.86 7.07 2.96
CA VAL A 242 -11.54 6.02 1.99
C VAL A 242 -11.48 6.59 0.58
N VAL A 243 -12.40 7.52 0.27
CA VAL A 243 -12.52 8.11 -1.05
C VAL A 243 -12.46 9.62 -0.88
N SER A 244 -11.60 10.28 -1.65
CA SER A 244 -11.50 11.72 -1.57
C SER A 244 -10.77 12.24 -2.80
N ALA A 245 -11.05 13.50 -3.14
CA ALA A 245 -10.31 14.13 -4.24
C ALA A 245 -8.83 14.28 -3.92
N GLY A 246 -8.49 14.48 -2.64
CA GLY A 246 -7.13 14.64 -2.15
C GLY A 246 -6.39 13.36 -1.84
N ASN A 247 -6.94 12.22 -2.24
CA ASN A 247 -6.42 10.89 -1.96
C ASN A 247 -5.95 10.28 -3.28
N LEU A 248 -4.65 10.05 -3.42
CA LEU A 248 -4.11 9.55 -4.67
C LEU A 248 -4.76 8.23 -5.05
N LEU A 249 -5.08 7.40 -4.07
CA LEU A 249 -5.69 6.11 -4.37
C LEU A 249 -7.09 6.25 -4.93
N SER A 250 -7.75 7.41 -4.74
CA SER A 250 -9.05 7.62 -5.39
C SER A 250 -8.92 7.95 -6.88
N HIS A 251 -7.70 8.13 -7.39
CA HIS A 251 -7.45 8.42 -8.78
C HIS A 251 -6.90 7.23 -9.53
N VAL A 252 -6.82 6.07 -8.88
CA VAL A 252 -6.38 4.87 -9.58
C VAL A 252 -7.37 4.49 -10.68
N GLY A 253 -8.66 4.76 -10.47
CA GLY A 253 -9.66 4.46 -11.48
C GLY A 253 -10.28 3.09 -11.37
N HIS A 254 -9.88 2.31 -10.37
CA HIS A 254 -10.43 0.99 -10.17
C HIS A 254 -10.06 0.52 -8.77
N THR A 255 -10.72 -0.55 -8.36
CA THR A 255 -10.57 -1.06 -7.01
C THR A 255 -9.22 -1.73 -6.82
N ILE A 256 -8.56 -1.40 -5.71
CA ILE A 256 -7.39 -2.13 -5.20
C ILE A 256 -7.80 -2.63 -3.82
N LEU A 257 -8.14 -3.90 -3.72
CA LEU A 257 -8.77 -4.45 -2.51
C LEU A 257 -7.93 -4.19 -1.27
N GLY A 258 -8.56 -3.62 -0.24
CA GLY A 258 -7.88 -3.37 1.01
C GLY A 258 -7.05 -2.11 1.03
N MET A 259 -6.89 -1.42 -0.10
CA MET A 259 -6.24 -0.13 -0.12
C MET A 259 -7.24 1.01 -0.30
N ASN A 260 -7.94 1.07 -1.43
CA ASN A 260 -9.04 2.01 -1.57
C ASN A 260 -10.39 1.37 -1.28
N THR A 261 -10.41 0.27 -0.53
CA THR A 261 -11.63 -0.31 0.01
C THR A 261 -11.35 -0.69 1.46
N VAL A 262 -12.42 -0.84 2.26
CA VAL A 262 -12.25 -1.08 3.69
C VAL A 262 -12.07 -2.56 3.95
N GLN A 263 -11.14 -2.89 4.86
CA GLN A 263 -10.97 -4.25 5.34
C GLN A 263 -11.26 -4.30 6.84
N LEU A 264 -11.74 -5.43 7.31
CA LEU A 264 -12.03 -5.60 8.74
C LEU A 264 -11.21 -6.75 9.29
N TYR A 265 -10.83 -6.61 10.56
CA TYR A 265 -10.04 -7.60 11.28
C TYR A 265 -10.78 -7.97 12.55
N MET A 266 -10.99 -9.26 12.78
CA MET A 266 -11.64 -9.75 14.01
C MET A 266 -10.60 -10.51 14.83
N LYS A 267 -10.43 -10.14 16.10
CA LYS A 267 -9.26 -10.54 16.86
C LYS A 267 -9.61 -11.15 18.21
N VAL A 268 -8.75 -12.07 18.65
CA VAL A 268 -8.69 -12.50 20.04
C VAL A 268 -7.32 -12.11 20.58
N PRO A 269 -7.14 -12.08 21.90
CA PRO A 269 -5.85 -11.67 22.47
C PRO A 269 -4.70 -12.47 21.87
N GLY A 270 -3.62 -11.77 21.53
CA GLY A 270 -2.47 -12.37 20.90
C GLY A 270 -2.44 -12.34 19.38
N SER A 271 -3.54 -11.92 18.74
CA SER A 271 -3.62 -11.88 17.28
C SER A 271 -2.63 -10.85 16.76
N ARG A 272 -1.66 -11.30 15.99
CA ARG A 272 -0.57 -10.44 15.56
C ARG A 272 -0.59 -10.17 14.06
N THR A 273 -0.34 -8.90 13.72
CA THR A 273 0.00 -8.50 12.37
C THR A 273 1.50 -8.30 12.29
N PRO A 274 2.23 -9.16 11.60
CA PRO A 274 3.69 -9.10 11.59
C PRO A 274 4.21 -7.82 10.94
N GLY A 275 5.54 -7.65 11.03
CA GLY A 275 6.17 -6.42 10.60
C GLY A 275 6.05 -6.20 9.10
N HIS A 276 5.77 -4.96 8.71
CA HIS A 276 5.67 -4.66 7.28
C HIS A 276 5.65 -3.16 7.08
N GLN A 277 5.97 -2.76 5.85
CA GLN A 277 5.56 -1.46 5.32
C GLN A 277 4.33 -1.67 4.44
N GLU A 278 3.49 -0.64 4.36
CA GLU A 278 2.32 -0.72 3.50
C GLU A 278 2.74 -0.91 2.04
N ASN A 279 1.83 -1.48 1.25
CA ASN A 279 2.01 -1.60 -0.20
C ASN A 279 2.42 -0.28 -0.81
N ASN A 280 3.58 -0.26 -1.46
CA ASN A 280 4.07 0.95 -2.13
C ASN A 280 4.11 2.13 -1.17
N ASN A 281 4.32 1.84 0.11
CA ASN A 281 4.59 2.86 1.12
C ASN A 281 3.45 3.88 1.25
N PHE A 282 2.22 3.48 0.97
CA PHE A 282 1.09 4.41 1.17
C PHE A 282 0.74 4.53 2.64
N CYS A 283 0.30 5.73 3.05
CA CYS A 283 -0.18 5.90 4.41
C CYS A 283 -1.34 4.93 4.68
N SER A 284 -1.62 4.72 5.97
CA SER A 284 -2.65 3.80 6.41
C SER A 284 -3.45 4.42 7.55
N VAL A 285 -4.73 4.09 7.62
CA VAL A 285 -5.65 4.53 8.65
C VAL A 285 -6.23 3.30 9.32
N ASN A 286 -6.34 3.30 10.64
CA ASN A 286 -6.83 2.13 11.36
C ASN A 286 -7.65 2.59 12.57
N ILE A 287 -8.86 2.05 12.73
CA ILE A 287 -9.76 2.42 13.82
C ILE A 287 -10.08 1.16 14.62
N ASN A 288 -9.82 1.20 15.93
CA ASN A 288 -10.16 0.07 16.78
C ASN A 288 -11.64 0.12 17.13
N ILE A 289 -12.40 -0.92 16.77
CA ILE A 289 -13.82 -1.00 17.12
C ILE A 289 -14.04 -1.30 18.59
N GLY A 290 -13.10 -2.01 19.22
CA GLY A 290 -13.26 -2.49 20.57
C GLY A 290 -13.95 -3.84 20.64
N PRO A 291 -14.29 -4.30 21.85
CA PRO A 291 -14.12 -3.58 23.12
C PRO A 291 -12.69 -3.57 23.69
N GLY A 292 -11.80 -4.45 23.24
CA GLY A 292 -10.44 -4.50 23.78
C GLY A 292 -9.48 -3.55 23.06
N ASP A 293 -8.24 -3.51 23.57
CA ASP A 293 -7.16 -2.64 23.10
C ASP A 293 -6.22 -3.37 22.15
N CYS A 294 -5.54 -2.58 21.32
CA CYS A 294 -4.45 -3.08 20.48
C CYS A 294 -3.14 -2.42 20.87
N GLU A 295 -2.04 -3.16 20.72
CA GLU A 295 -0.71 -2.62 20.99
C GLU A 295 0.09 -2.52 19.69
N TRP A 296 0.64 -1.33 19.45
CA TRP A 296 1.37 -0.99 18.23
C TRP A 296 2.86 -0.80 18.50
N PHE A 297 3.68 -1.25 17.53
CA PHE A 297 5.13 -1.07 17.52
C PHE A 297 5.50 -0.45 16.18
N VAL A 298 6.24 0.66 16.20
CA VAL A 298 6.43 1.48 15.00
C VAL A 298 7.90 1.91 14.91
N VAL A 299 8.47 1.84 13.71
CA VAL A 299 9.86 2.24 13.44
C VAL A 299 9.83 3.23 12.28
N PRO A 300 10.59 4.32 12.34
CA PRO A 300 10.50 5.33 11.28
C PRO A 300 10.95 4.76 9.94
N GLU A 301 10.35 5.29 8.87
CA GLU A 301 10.71 4.88 7.51
C GLU A 301 12.23 4.82 7.29
N GLY A 302 12.95 5.83 7.73
CA GLY A 302 14.40 5.89 7.53
C GLY A 302 15.20 4.65 7.92
N TYR A 303 14.63 3.81 8.79
CA TYR A 303 15.29 2.61 9.30
C TYR A 303 14.91 1.33 8.57
N TRP A 304 14.20 1.40 7.43
CA TRP A 304 13.76 0.14 6.85
C TRP A 304 14.92 -0.67 6.29
N GLY A 305 15.98 0.00 5.86
CA GLY A 305 17.20 -0.72 5.46
C GLY A 305 17.80 -1.54 6.60
N VAL A 306 17.82 -0.99 7.81
CA VAL A 306 18.30 -1.74 8.97
C VAL A 306 17.44 -2.96 9.23
N LEU A 307 16.11 -2.80 9.15
CA LEU A 307 15.22 -3.93 9.36
C LEU A 307 15.32 -4.95 8.23
N ASN A 308 15.49 -4.49 6.99
CA ASN A 308 15.74 -5.42 5.90
C ASN A 308 16.96 -6.29 6.18
N ASP A 309 18.03 -5.68 6.72
CA ASP A 309 19.22 -6.46 7.08
C ASP A 309 18.95 -7.44 8.22
N PHE A 310 18.22 -7.03 9.25
CA PHE A 310 17.83 -7.99 10.27
C PHE A 310 17.08 -9.16 9.67
N CYS A 311 16.17 -8.89 8.72
CA CYS A 311 15.44 -10.00 8.11
C CYS A 311 16.38 -10.92 7.36
N GLU A 312 17.31 -10.37 6.58
CA GLU A 312 18.22 -11.20 5.81
C GLU A 312 19.10 -12.05 6.73
N LYS A 313 19.67 -11.44 7.76
CA LYS A 313 20.51 -12.19 8.70
C LYS A 313 19.74 -13.32 9.34
N ASN A 314 18.42 -13.17 9.50
CA ASN A 314 17.58 -14.17 10.13
C ASN A 314 16.91 -15.09 9.11
N ASN A 315 17.35 -15.05 7.85
CA ASN A 315 16.87 -15.94 6.81
C ASN A 315 15.39 -15.71 6.50
N LEU A 316 14.96 -14.45 6.54
CA LEU A 316 13.59 -14.08 6.28
C LEU A 316 13.54 -13.00 5.20
N ASN A 317 12.43 -12.97 4.46
CA ASN A 317 12.23 -11.98 3.40
C ASN A 317 11.53 -10.77 3.97
N PHE A 318 12.14 -9.59 3.82
CA PHE A 318 11.58 -8.38 4.40
C PHE A 318 10.19 -8.07 3.81
N LEU A 319 10.10 -8.05 2.48
CA LEU A 319 8.87 -7.60 1.83
C LEU A 319 7.74 -8.61 1.94
N MET A 320 8.06 -9.91 1.88
CA MET A 320 7.04 -10.94 1.75
C MET A 320 6.97 -11.93 2.90
N GLY A 321 7.96 -11.96 3.77
CA GLY A 321 7.98 -12.93 4.84
C GLY A 321 7.16 -12.50 6.04
N SER A 322 7.11 -13.40 7.02
CA SER A 322 6.34 -13.20 8.24
C SER A 322 7.31 -13.08 9.42
N TRP A 323 7.52 -11.86 9.92
CA TRP A 323 8.51 -11.63 10.96
C TRP A 323 8.01 -10.68 12.04
N TRP A 324 8.40 -10.96 13.28
CA TRP A 324 8.08 -10.16 14.47
C TRP A 324 9.36 -9.72 15.15
N PRO A 325 9.76 -8.44 15.04
CA PRO A 325 11.11 -8.05 15.47
C PRO A 325 11.38 -8.30 16.95
N ASN A 326 12.62 -8.68 17.25
CA ASN A 326 13.07 -8.80 18.64
C ASN A 326 13.51 -7.41 19.12
N LEU A 327 12.83 -6.88 20.14
CA LEU A 327 13.10 -5.51 20.57
C LEU A 327 14.49 -5.34 21.18
N GLU A 328 15.07 -6.41 21.72
CA GLU A 328 16.44 -6.29 22.22
C GLU A 328 17.42 -6.10 21.06
N ASP A 329 17.18 -6.80 19.94
CA ASP A 329 17.99 -6.57 18.74
C ASP A 329 17.89 -5.14 18.24
N LEU A 330 16.68 -4.59 18.21
CA LEU A 330 16.51 -3.24 17.70
C LEU A 330 17.19 -2.23 18.61
N TYR A 331 17.05 -2.38 19.92
CA TYR A 331 17.72 -1.52 20.89
C TYR A 331 19.25 -1.57 20.68
N GLU A 332 19.83 -2.76 20.68
CA GLU A 332 21.27 -2.88 20.52
C GLU A 332 21.76 -2.16 19.26
N ALA A 333 20.95 -2.14 18.21
CA ALA A 333 21.33 -1.53 16.94
C ALA A 333 20.91 -0.06 16.83
N ASN A 334 20.47 0.57 17.92
CA ASN A 334 20.15 2.00 17.93
C ASN A 334 18.98 2.35 17.00
N VAL A 335 17.99 1.46 16.93
CA VAL A 335 16.77 1.66 16.14
C VAL A 335 15.68 2.13 17.10
N PRO A 336 15.08 3.31 16.88
CA PRO A 336 14.03 3.77 17.80
C PRO A 336 12.70 3.07 17.51
N VAL A 337 11.93 2.83 18.59
CA VAL A 337 10.68 2.10 18.51
C VAL A 337 9.61 2.91 19.24
N TYR A 338 8.58 3.32 18.52
CA TYR A 338 7.38 3.89 19.12
C TYR A 338 6.44 2.76 19.51
N ARG A 339 6.00 2.77 20.76
CA ARG A 339 5.17 1.71 21.33
C ARG A 339 4.00 2.37 22.04
N PHE A 340 2.77 1.99 21.70
CA PHE A 340 1.62 2.64 22.33
C PHE A 340 0.41 1.71 22.25
N ILE A 341 -0.63 2.09 22.98
CA ILE A 341 -1.88 1.35 23.06
C ILE A 341 -2.95 2.13 22.30
N GLN A 342 -3.66 1.43 21.41
CA GLN A 342 -4.82 1.97 20.71
C GLN A 342 -6.07 1.45 21.39
N ARG A 343 -6.86 2.36 21.96
CA ARG A 343 -8.12 2.02 22.63
C ARG A 343 -9.27 2.04 21.64
N PRO A 344 -10.43 1.48 22.03
CA PRO A 344 -11.62 1.59 21.17
C PRO A 344 -11.92 3.04 20.84
N GLY A 345 -12.19 3.30 19.56
CA GLY A 345 -12.48 4.64 19.09
C GLY A 345 -11.27 5.48 18.73
N ASP A 346 -10.05 5.03 19.03
CA ASP A 346 -8.85 5.74 18.65
C ASP A 346 -8.47 5.43 17.19
N LEU A 347 -8.04 6.45 16.46
CA LEU A 347 -7.61 6.26 15.09
C LEU A 347 -6.09 6.38 15.01
N VAL A 348 -5.46 5.44 14.30
CA VAL A 348 -4.01 5.42 14.14
C VAL A 348 -3.70 5.77 12.69
N TRP A 349 -2.89 6.81 12.50
CA TRP A 349 -2.39 7.21 11.20
C TRP A 349 -0.96 6.72 11.06
N ILE A 350 -0.73 5.81 10.13
CA ILE A 350 0.59 5.28 9.82
C ILE A 350 1.15 6.09 8.66
N ASN A 351 2.21 6.85 8.90
CA ASN A 351 2.76 7.72 7.86
C ASN A 351 3.50 6.91 6.79
N ALA A 352 3.82 7.57 5.66
CA ALA A 352 4.34 6.88 4.48
C ALA A 352 5.65 6.14 4.77
N GLY A 353 5.66 4.82 4.49
CA GLY A 353 6.83 4.00 4.69
C GLY A 353 7.12 3.58 6.13
N THR A 354 6.27 3.94 7.09
CA THR A 354 6.54 3.55 8.48
C THR A 354 6.49 2.04 8.65
N VAL A 355 7.53 1.47 9.26
CA VAL A 355 7.55 0.03 9.53
C VAL A 355 6.76 -0.22 10.80
N HIS A 356 5.89 -1.25 10.81
CA HIS A 356 5.07 -1.41 12.01
C HIS A 356 4.58 -2.86 12.12
N TRP A 357 4.23 -3.23 13.36
CA TRP A 357 3.64 -4.51 13.68
C TRP A 357 2.69 -4.31 14.85
N VAL A 358 1.69 -5.19 14.99
CA VAL A 358 0.55 -4.92 15.85
C VAL A 358 0.09 -6.21 16.50
N GLN A 359 -0.49 -6.11 17.71
CA GLN A 359 -1.09 -7.27 18.36
C GLN A 359 -2.27 -6.82 19.21
N ALA A 360 -3.30 -7.66 19.19
CA ALA A 360 -4.44 -7.44 20.07
C ALA A 360 -4.05 -7.77 21.51
N ILE A 361 -4.46 -6.91 22.43
CA ILE A 361 -4.34 -7.22 23.85
C ILE A 361 -5.63 -7.82 24.38
N GLY A 362 -6.77 -7.31 23.95
CA GLY A 362 -8.07 -7.85 24.31
C GLY A 362 -8.78 -8.47 23.12
N TRP A 363 -10.10 -8.63 23.26
CA TRP A 363 -10.96 -9.01 22.15
C TRP A 363 -11.44 -7.75 21.46
N CYS A 364 -11.22 -7.65 20.16
CA CYS A 364 -11.66 -6.45 19.46
C CYS A 364 -11.71 -6.71 17.96
N ASN A 365 -12.40 -5.83 17.25
CA ASN A 365 -12.30 -5.73 15.80
C ASN A 365 -11.63 -4.41 15.42
N ASN A 366 -10.98 -4.38 14.25
CA ASN A 366 -10.39 -3.18 13.71
C ASN A 366 -10.86 -3.01 12.26
N ILE A 367 -10.88 -1.78 11.77
CA ILE A 367 -11.05 -1.56 10.34
C ILE A 367 -9.90 -0.71 9.85
N ALA A 368 -9.55 -0.87 8.57
CA ALA A 368 -8.35 -0.20 8.06
C ALA A 368 -8.41 -0.06 6.56
N TRP A 369 -7.71 0.95 6.05
CA TRP A 369 -7.57 1.18 4.62
C TRP A 369 -6.38 2.11 4.43
N ASN A 370 -6.02 2.34 3.17
CA ASN A 370 -4.89 3.21 2.84
C ASN A 370 -5.39 4.54 2.31
N VAL A 371 -4.53 5.55 2.41
N VAL A 371 -4.48 5.52 2.35
CA VAL A 371 -4.79 6.82 1.76
CA VAL A 371 -4.74 6.89 1.91
C VAL A 371 -3.46 7.26 1.18
C VAL A 371 -3.43 7.45 1.33
N GLY A 372 -3.53 8.17 0.23
CA GLY A 372 -2.35 8.72 -0.40
C GLY A 372 -2.42 10.23 -0.46
N PRO A 373 -1.78 10.89 0.52
CA PRO A 373 -1.73 12.35 0.50
C PRO A 373 -1.06 12.86 -0.76
N LEU A 374 -1.57 14.00 -1.25
CA LEU A 374 -1.06 14.61 -2.48
C LEU A 374 0.19 15.43 -2.16
N THR A 375 1.27 14.71 -1.87
CA THR A 375 2.50 15.34 -1.43
C THR A 375 3.70 14.72 -2.15
N ALA A 376 4.74 15.55 -2.33
CA ALA A 376 5.98 15.07 -2.92
C ALA A 376 6.54 13.91 -2.13
N CYS A 377 6.47 13.98 -0.80
N CYS A 377 6.46 13.99 -0.80
CA CYS A 377 7.01 12.91 0.03
CA CYS A 377 6.99 12.93 0.05
C CYS A 377 6.30 11.59 -0.26
C CYS A 377 6.30 11.60 -0.25
N GLN A 378 4.96 11.61 -0.30
CA GLN A 378 4.24 10.36 -0.54
C GLN A 378 4.50 9.82 -1.94
N TYR A 379 4.47 10.70 -2.96
CA TYR A 379 4.69 10.21 -4.32
C TYR A 379 6.08 9.61 -4.46
N LYS A 380 7.10 10.29 -3.91
CA LYS A 380 8.48 9.82 -4.01
C LYS A 380 8.63 8.45 -3.36
N LEU A 381 8.10 8.26 -2.15
CA LEU A 381 8.21 6.97 -1.48
C LEU A 381 7.47 5.87 -2.24
N ALA A 382 6.34 6.19 -2.88
CA ALA A 382 5.60 5.19 -3.64
C ALA A 382 6.38 4.76 -4.90
N VAL A 383 6.98 5.72 -5.60
CA VAL A 383 7.72 5.40 -6.81
C VAL A 383 9.00 4.61 -6.47
N GLU A 384 9.68 4.98 -5.38
CA GLU A 384 10.88 4.28 -4.96
C GLU A 384 10.60 2.82 -4.67
N ARG A 385 9.52 2.54 -3.95
CA ARG A 385 9.20 1.16 -3.63
C ARG A 385 8.65 0.43 -4.85
N TYR A 386 7.95 1.15 -5.74
CA TYR A 386 7.62 0.60 -7.05
C TYR A 386 8.89 0.08 -7.75
N GLU A 387 9.93 0.91 -7.77
CA GLU A 387 11.18 0.52 -8.44
C GLU A 387 11.88 -0.61 -7.68
N TRP A 388 11.94 -0.51 -6.35
CA TRP A 388 12.56 -1.57 -5.55
C TRP A 388 11.85 -2.90 -5.76
N ASN A 389 10.52 -2.88 -5.82
CA ASN A 389 9.76 -4.11 -6.02
C ASN A 389 10.15 -4.81 -7.33
N LYS A 390 10.35 -4.03 -8.41
CA LYS A 390 10.73 -4.68 -9.67
C LYS A 390 12.05 -5.41 -9.51
N LEU A 391 13.06 -4.73 -8.97
CA LEU A 391 14.34 -5.36 -8.70
C LEU A 391 14.18 -6.63 -7.87
N GLN A 392 13.18 -6.68 -6.99
CA GLN A 392 13.00 -7.80 -6.09
C GLN A 392 12.00 -8.84 -6.58
N SER A 393 11.33 -8.60 -7.72
CA SER A 393 10.34 -9.53 -8.27
C SER A 393 9.13 -9.66 -7.34
N VAL A 394 8.71 -8.55 -6.76
CA VAL A 394 7.51 -8.48 -5.93
C VAL A 394 6.49 -7.60 -6.63
N LYS A 395 5.24 -8.06 -6.68
CA LYS A 395 4.19 -7.29 -7.36
C LYS A 395 3.94 -5.97 -6.62
N SER A 396 3.86 -4.87 -7.37
CA SER A 396 3.42 -3.58 -6.85
C SER A 396 1.90 -3.54 -6.94
N ILE A 397 1.23 -3.62 -5.78
CA ILE A 397 -0.23 -3.63 -5.75
C ILE A 397 -0.80 -2.33 -6.30
N VAL A 398 -0.09 -1.23 -6.16
CA VAL A 398 -0.51 0.05 -6.73
C VAL A 398 0.21 0.22 -8.07
N PRO A 399 -0.50 0.30 -9.19
CA PRO A 399 0.18 0.44 -10.48
C PRO A 399 0.59 1.89 -10.74
N MET A 400 1.81 2.23 -10.34
CA MET A 400 2.21 3.63 -10.23
C MET A 400 2.25 4.33 -11.59
N VAL A 401 2.54 3.62 -12.67
CA VAL A 401 2.52 4.24 -13.99
C VAL A 401 1.10 4.61 -14.40
N HIS A 402 0.19 3.62 -14.39
CA HIS A 402 -1.22 3.88 -14.63
C HIS A 402 -1.71 5.03 -13.77
N LEU A 403 -1.35 5.03 -12.48
CA LEU A 403 -1.84 6.05 -11.58
C LEU A 403 -1.25 7.42 -11.91
N SER A 404 0.03 7.48 -12.28
CA SER A 404 0.63 8.78 -12.58
C SER A 404 -0.06 9.43 -13.78
N TRP A 405 -0.39 8.65 -14.80
CA TRP A 405 -1.09 9.18 -15.97
C TRP A 405 -2.50 9.65 -15.60
N ASN A 406 -3.20 8.91 -14.75
CA ASN A 406 -4.49 9.40 -14.23
C ASN A 406 -4.31 10.67 -13.40
N MET A 407 -3.30 10.73 -12.54
CA MET A 407 -3.08 11.96 -11.78
C MET A 407 -2.90 13.14 -12.74
N ALA A 408 -2.20 12.91 -13.84
CA ALA A 408 -1.90 14.01 -14.77
C ALA A 408 -3.15 14.48 -15.49
N ARG A 409 -4.10 13.58 -15.77
N ARG A 409 -4.12 13.59 -15.74
CA ARG A 409 -5.36 14.00 -16.38
CA ARG A 409 -5.33 14.04 -16.42
C ARG A 409 -6.19 14.83 -15.41
C ARG A 409 -6.39 14.59 -15.48
N ASN A 410 -6.26 14.40 -14.15
CA ASN A 410 -7.30 14.86 -13.22
C ASN A 410 -6.88 15.98 -12.26
N ILE A 411 -5.61 16.06 -11.87
CA ILE A 411 -5.21 16.87 -10.72
C ILE A 411 -4.42 18.07 -11.21
N LYS A 412 -4.77 19.24 -10.70
CA LYS A 412 -3.99 20.47 -10.90
C LYS A 412 -2.96 20.57 -9.77
N VAL A 413 -1.70 20.30 -10.09
CA VAL A 413 -0.65 20.23 -9.08
C VAL A 413 0.03 21.59 -8.98
N SER A 414 0.02 22.17 -7.78
CA SER A 414 0.63 23.48 -7.59
C SER A 414 1.99 23.45 -6.90
N ASP A 415 2.33 22.36 -6.21
CA ASP A 415 3.64 22.25 -5.59
C ASP A 415 4.70 21.90 -6.65
N PRO A 416 5.73 22.73 -6.84
CA PRO A 416 6.70 22.45 -7.91
C PRO A 416 7.40 21.11 -7.78
N LYS A 417 7.81 20.75 -6.55
CA LYS A 417 8.57 19.52 -6.34
C LYS A 417 7.73 18.28 -6.71
N LEU A 418 6.47 18.23 -6.26
CA LEU A 418 5.60 17.14 -6.66
C LEU A 418 5.35 17.15 -8.17
N PHE A 419 5.06 18.34 -8.72
CA PHE A 419 4.81 18.42 -10.15
C PHE A 419 5.99 17.86 -10.95
N GLU A 420 7.22 18.24 -10.59
CA GLU A 420 8.37 17.78 -11.36
C GLU A 420 8.53 16.27 -11.28
N MET A 421 8.28 15.69 -10.10
CA MET A 421 8.36 14.24 -9.97
C MET A 421 7.34 13.52 -10.85
N ILE A 422 6.11 14.02 -10.91
CA ILE A 422 5.10 13.40 -11.75
C ILE A 422 5.47 13.56 -13.24
N LYS A 423 5.81 14.77 -13.67
CA LYS A 423 6.08 14.93 -15.10
C LYS A 423 7.34 14.17 -15.53
N TYR A 424 8.34 14.07 -14.65
CA TYR A 424 9.48 13.20 -14.93
C TYR A 424 9.03 11.77 -15.17
N CYS A 425 8.10 11.28 -14.36
CA CYS A 425 7.54 9.95 -14.58
C CYS A 425 6.86 9.86 -15.93
N LEU A 426 6.01 10.83 -16.26
CA LEU A 426 5.34 10.79 -17.56
C LEU A 426 6.37 10.76 -18.68
N LEU A 427 7.42 11.57 -18.54
CA LEU A 427 8.42 11.66 -19.61
C LEU A 427 9.11 10.33 -19.83
N ARG A 428 9.60 9.71 -18.75
CA ARG A 428 10.26 8.41 -18.86
C ARG A 428 9.34 7.36 -19.48
N THR A 429 8.07 7.31 -19.07
CA THR A 429 7.21 6.26 -19.61
C THR A 429 6.73 6.62 -21.02
N LEU A 430 6.48 7.90 -21.28
CA LEU A 430 6.12 8.27 -22.65
C LEU A 430 7.24 7.87 -23.61
N LYS A 431 8.49 8.18 -23.23
CA LYS A 431 9.63 7.83 -24.07
C LYS A 431 9.78 6.32 -24.23
N GLN A 432 9.60 5.57 -23.13
CA GLN A 432 9.67 4.12 -23.23
C GLN A 432 8.62 3.57 -24.20
N CYS A 433 7.41 4.11 -24.15
CA CYS A 433 6.33 3.61 -25.00
C CYS A 433 6.60 3.90 -26.47
N GLN A 434 7.03 5.13 -26.78
CA GLN A 434 7.29 5.47 -28.18
C GLN A 434 8.55 4.77 -28.70
N THR A 435 9.51 4.52 -27.82
CA THR A 435 10.69 3.78 -28.24
C THR A 435 10.32 2.35 -28.59
N LEU A 436 9.57 1.68 -27.71
CA LEU A 436 9.10 0.33 -28.00
C LEU A 436 8.26 0.30 -29.27
N ARG A 437 7.33 1.24 -29.39
CA ARG A 437 6.45 1.30 -30.56
C ARG A 437 7.27 1.36 -31.86
N GLU A 438 8.28 2.23 -31.89
CA GLU A 438 9.13 2.33 -33.07
C GLU A 438 9.82 1.00 -33.36
N ALA A 439 10.47 0.42 -32.35
CA ALA A 439 11.19 -0.84 -32.57
C ALA A 439 10.26 -1.91 -33.14
N LEU A 440 9.02 -1.96 -32.67
CA LEU A 440 8.07 -2.95 -33.18
C LEU A 440 7.77 -2.69 -34.65
N ILE A 441 7.42 -1.46 -35.01
CA ILE A 441 7.13 -1.15 -36.40
C ILE A 441 8.35 -1.46 -37.27
N ALA A 442 9.52 -0.97 -36.86
CA ALA A 442 10.74 -1.23 -37.62
C ALA A 442 11.05 -2.71 -37.76
N ALA A 443 10.43 -3.57 -36.95
CA ALA A 443 10.66 -5.01 -37.03
C ALA A 443 9.56 -5.73 -37.79
N GLY A 444 8.62 -4.98 -38.38
CA GLY A 444 7.52 -5.57 -39.10
C GLY A 444 6.35 -6.00 -38.25
N LYS A 445 6.54 -6.17 -36.95
CA LYS A 445 5.44 -6.60 -36.08
C LYS A 445 4.30 -5.61 -36.16
N GLU A 446 3.08 -6.13 -36.05
CA GLU A 446 1.88 -5.33 -36.15
C GLU A 446 1.37 -4.99 -34.75
N ILE A 447 0.68 -3.86 -34.65
CA ILE A 447 0.17 -3.36 -33.37
C ILE A 447 -1.35 -3.31 -33.47
N ILE A 448 -2.02 -4.18 -32.72
CA ILE A 448 -3.48 -4.25 -32.76
C ILE A 448 -4.07 -3.22 -31.80
N TRP A 449 -4.89 -2.33 -32.33
CA TRP A 449 -5.70 -1.49 -31.46
C TRP A 449 -6.57 -2.37 -30.59
N HIS A 450 -6.37 -2.29 -29.28
CA HIS A 450 -7.19 -3.00 -28.31
C HIS A 450 -8.06 -2.04 -27.49
N GLY A 451 -7.52 -0.87 -27.14
CA GLY A 451 -8.26 0.07 -26.34
C GLY A 451 -8.49 -0.53 -24.96
N ARG A 452 -9.42 0.11 -24.24
CA ARG A 452 -9.76 -0.35 -22.90
C ARG A 452 -11.12 0.22 -22.52
N THR A 453 -11.78 -0.49 -21.59
CA THR A 453 -13.12 -0.13 -21.17
C THR A 453 -13.11 0.85 -19.99
N LYS A 454 -14.31 1.25 -19.57
CA LYS A 454 -14.45 2.04 -18.35
C LYS A 454 -13.98 1.24 -17.14
N GLU A 455 -13.05 1.82 -16.37
CA GLU A 455 -12.57 1.23 -15.14
C GLU A 455 -11.69 0.01 -15.36
N GLU A 456 -11.21 -0.23 -16.57
CA GLU A 456 -10.39 -1.40 -16.79
C GLU A 456 -9.15 -1.31 -15.91
N PRO A 457 -8.88 -2.32 -15.08
CA PRO A 457 -7.68 -2.27 -14.22
C PRO A 457 -6.39 -2.25 -15.02
N ALA A 458 -5.32 -1.85 -14.34
CA ALA A 458 -3.97 -2.01 -14.90
C ALA A 458 -3.62 -3.48 -15.04
N HIS A 459 -2.85 -3.82 -16.08
CA HIS A 459 -2.45 -5.20 -16.31
C HIS A 459 -1.01 -5.44 -15.91
N TYR A 460 -0.72 -6.66 -15.47
CA TYR A 460 0.60 -7.06 -14.99
C TYR A 460 1.07 -8.29 -15.74
N CYS A 461 2.39 -8.51 -15.73
CA CYS A 461 2.96 -9.66 -16.42
C CYS A 461 2.64 -10.94 -15.65
N SER A 462 2.07 -11.92 -16.35
CA SER A 462 1.73 -13.18 -15.70
C SER A 462 2.96 -13.98 -15.27
N ILE A 463 4.17 -13.55 -15.58
CA ILE A 463 5.38 -14.27 -15.18
C ILE A 463 6.11 -13.55 -14.07
N CYS A 464 6.57 -12.33 -14.33
CA CYS A 464 7.33 -11.57 -13.35
C CYS A 464 6.48 -10.59 -12.54
N GLU A 465 5.24 -10.35 -12.95
CA GLU A 465 4.27 -9.53 -12.21
C GLU A 465 4.61 -8.05 -12.23
N VAL A 466 5.48 -7.60 -13.12
CA VAL A 466 5.67 -6.17 -13.31
C VAL A 466 4.41 -5.58 -13.95
N GLU A 467 4.12 -4.31 -13.66
CA GLU A 467 3.09 -3.59 -14.40
C GLU A 467 3.46 -3.53 -15.88
N VAL A 468 2.45 -3.69 -16.74
CA VAL A 468 2.63 -3.60 -18.18
C VAL A 468 1.70 -2.52 -18.68
N PHE A 469 2.26 -1.39 -19.10
CA PHE A 469 1.49 -0.20 -19.42
C PHE A 469 1.45 0.01 -20.93
N ASP A 470 0.23 0.18 -21.45
CA ASP A 470 -0.03 0.57 -22.83
C ASP A 470 0.13 -0.56 -23.84
N LEU A 471 1.30 -1.20 -23.92
CA LEU A 471 1.59 -2.18 -24.95
C LEU A 471 1.66 -3.56 -24.32
N LEU A 472 0.67 -4.39 -24.61
CA LEU A 472 0.52 -5.69 -23.98
C LEU A 472 0.95 -6.80 -24.94
N PHE A 473 1.75 -7.73 -24.46
CA PHE A 473 2.14 -8.91 -25.21
C PHE A 473 1.34 -10.11 -24.72
N VAL A 474 0.53 -10.69 -25.59
CA VAL A 474 -0.24 -11.88 -25.26
C VAL A 474 -0.02 -12.93 -26.36
N THR A 475 -0.01 -14.19 -25.96
CA THR A 475 0.14 -15.24 -26.96
C THR A 475 -1.11 -15.29 -27.85
N ASN A 476 -0.92 -15.86 -29.04
CA ASN A 476 -2.03 -15.99 -29.98
C ASN A 476 -3.15 -16.84 -29.39
N GLU A 477 -2.81 -17.87 -28.60
CA GLU A 477 -3.84 -18.69 -28.00
C GLU A 477 -4.62 -17.92 -26.94
N SER A 478 -3.93 -17.14 -26.09
CA SER A 478 -4.61 -16.32 -25.10
C SER A 478 -5.37 -15.17 -25.77
N ASN A 479 -4.87 -14.71 -26.91
CA ASN A 479 -5.59 -13.74 -27.73
C ASN A 479 -6.97 -14.27 -28.12
N SER A 480 -7.00 -15.38 -28.87
CA SER A 480 -8.26 -15.93 -29.34
C SER A 480 -9.17 -16.32 -28.17
N ARG A 481 -8.62 -17.01 -27.16
CA ARG A 481 -9.41 -17.33 -25.98
C ARG A 481 -9.93 -16.10 -25.26
N LYS A 482 -9.43 -14.91 -25.60
CA LYS A 482 -9.76 -13.67 -24.88
C LYS A 482 -9.60 -13.86 -23.38
N THR A 483 -8.72 -14.79 -22.99
CA THR A 483 -8.14 -14.74 -21.66
C THR A 483 -7.14 -13.59 -21.55
N TYR A 484 -6.64 -13.11 -22.70
CA TYR A 484 -5.71 -11.99 -22.75
C TYR A 484 -4.77 -12.04 -21.57
N ILE A 485 -3.88 -13.03 -21.55
CA ILE A 485 -2.96 -13.21 -20.44
C ILE A 485 -1.67 -12.49 -20.78
N VAL A 486 -1.37 -11.45 -20.01
CA VAL A 486 -0.42 -10.42 -20.42
C VAL A 486 0.99 -10.80 -19.99
N HIS A 487 1.93 -10.53 -20.87
CA HIS A 487 3.35 -10.60 -20.57
C HIS A 487 3.97 -9.24 -20.82
N CYS A 488 5.03 -8.94 -20.07
CA CYS A 488 5.89 -7.82 -20.42
C CYS A 488 6.76 -8.19 -21.62
N GLN A 489 7.46 -7.18 -22.16
CA GLN A 489 8.28 -7.42 -23.34
C GLN A 489 9.38 -8.44 -23.05
N ASP A 490 10.07 -8.30 -21.91
CA ASP A 490 11.21 -9.18 -21.65
C ASP A 490 10.78 -10.63 -21.49
N CYS A 491 9.66 -10.88 -20.80
CA CYS A 491 9.24 -12.27 -20.60
C CYS A 491 8.70 -12.88 -21.89
N ALA A 492 8.16 -12.07 -22.80
CA ALA A 492 7.70 -12.59 -24.09
C ALA A 492 8.87 -13.03 -24.96
N ARG A 493 9.89 -12.17 -25.10
CA ARG A 493 11.08 -12.53 -25.87
C ARG A 493 11.79 -13.75 -25.32
N LYS A 494 11.64 -14.05 -24.03
CA LYS A 494 12.31 -15.23 -23.48
C LYS A 494 11.75 -16.53 -24.06
N THR A 495 10.46 -16.55 -24.38
CA THR A 495 9.85 -17.73 -24.99
C THR A 495 9.72 -17.61 -26.50
N SER A 496 10.13 -16.49 -27.08
CA SER A 496 9.97 -16.28 -28.51
C SER A 496 10.78 -15.07 -28.94
N GLY A 497 12.06 -15.27 -29.26
CA GLY A 497 12.94 -14.15 -29.51
C GLY A 497 12.37 -13.15 -30.50
N ASN A 498 11.79 -13.64 -31.58
CA ASN A 498 11.20 -12.79 -32.61
C ASN A 498 9.72 -12.54 -32.39
N LEU A 499 9.18 -12.94 -31.23
CA LEU A 499 7.80 -12.65 -30.87
C LEU A 499 6.79 -13.31 -31.82
N GLU A 500 7.20 -14.44 -32.42
CA GLU A 500 6.33 -15.12 -33.36
C GLU A 500 5.04 -15.55 -32.69
N ASN A 501 5.14 -16.21 -31.54
CA ASN A 501 3.97 -16.66 -30.79
C ASN A 501 3.18 -15.49 -30.14
N PHE A 502 3.48 -14.22 -30.43
CA PHE A 502 2.89 -13.12 -29.68
C PHE A 502 2.26 -12.07 -30.59
N VAL A 503 1.14 -11.53 -30.12
CA VAL A 503 0.53 -10.32 -30.66
C VAL A 503 0.73 -9.21 -29.63
N VAL A 504 0.69 -7.96 -30.11
CA VAL A 504 0.89 -6.79 -29.27
C VAL A 504 -0.38 -5.94 -29.32
N LEU A 505 -0.99 -5.72 -28.15
CA LEU A 505 -2.21 -4.94 -28.01
C LEU A 505 -1.88 -3.55 -27.48
N GLU A 506 -2.45 -2.52 -28.10
CA GLU A 506 -2.25 -1.14 -27.70
C GLU A 506 -3.50 -0.61 -27.00
N GLN A 507 -3.31 -0.06 -25.78
CA GLN A 507 -4.41 0.36 -24.92
C GLN A 507 -4.81 1.82 -25.11
N TYR A 508 -3.83 2.69 -25.35
CA TYR A 508 -4.07 4.14 -25.43
C TYR A 508 -3.61 4.65 -26.79
N LYS A 509 -4.36 5.61 -27.35
CA LYS A 509 -3.87 6.33 -28.52
C LYS A 509 -2.65 7.16 -28.13
N MET A 510 -1.51 6.90 -28.78
CA MET A 510 -0.31 7.68 -28.50
C MET A 510 -0.61 9.18 -28.49
N GLU A 511 -1.44 9.66 -29.42
CA GLU A 511 -1.81 11.07 -29.43
C GLU A 511 -2.52 11.47 -28.14
N ASP A 512 -3.30 10.54 -27.55
CA ASP A 512 -3.94 10.80 -26.26
C ASP A 512 -2.89 11.02 -25.18
N LEU A 513 -1.89 10.13 -25.10
CA LEU A 513 -0.82 10.27 -24.11
C LEU A 513 -0.03 11.56 -24.34
N MET A 514 0.31 11.84 -25.60
CA MET A 514 1.09 13.04 -25.88
C MET A 514 0.34 14.28 -25.45
N GLN A 515 -0.98 14.28 -25.63
CA GLN A 515 -1.77 15.44 -25.21
C GLN A 515 -1.84 15.55 -23.69
N VAL A 516 -2.05 14.43 -22.98
CA VAL A 516 -2.08 14.50 -21.52
C VAL A 516 -0.73 15.02 -20.99
N TYR A 517 0.36 14.57 -21.60
CA TYR A 517 1.68 15.00 -21.16
C TYR A 517 1.84 16.52 -21.35
N ASP A 518 1.48 17.04 -22.53
CA ASP A 518 1.67 18.47 -22.79
C ASP A 518 0.72 19.34 -21.97
N GLN A 519 -0.45 18.84 -21.62
CA GLN A 519 -1.40 19.65 -20.85
C GLN A 519 -1.16 19.57 -19.35
N PHE A 520 -0.23 18.73 -18.90
CA PHE A 520 0.13 18.65 -17.49
C PHE A 520 1.19 19.71 -17.22
N THR A 521 0.79 20.80 -16.58
CA THR A 521 1.67 21.93 -16.33
C THR A 521 1.48 22.41 -14.90
N LEU A 522 2.45 23.18 -14.42
CA LEU A 522 2.45 23.61 -13.02
C LEU A 522 1.27 24.55 -12.77
N ALA A 523 0.39 24.14 -11.89
CA ALA A 523 -0.83 24.91 -11.63
C ALA A 523 -0.52 26.12 -10.76
N PRO A 524 -1.34 27.16 -10.87
CA PRO A 524 -1.12 28.35 -10.05
C PRO A 524 -1.64 28.12 -8.65
N PRO A 525 -1.02 28.74 -7.64
CA PRO A 525 -1.50 28.68 -6.24
C PRO A 525 -2.78 29.49 -6.03
MN MN B . -0.84 -2.88 6.95
OAA 8XQ C . -5.21 -4.07 13.09
OAB 8XQ C . -4.29 -5.98 12.50
OAC 8XQ C . -1.02 -1.93 8.70
CAD 8XQ C . -3.55 -6.22 8.32
CAE 8XQ C . -2.70 -5.48 7.49
CAF 8XQ C . -2.06 -2.12 10.86
CAG 8XQ C . -2.88 -2.80 11.75
CAH 8XQ C . -3.80 -5.74 9.62
NAI 8XQ C . -2.15 -4.34 7.93
CAJ 8XQ C . -4.38 -4.73 12.38
CAK 8XQ C . -1.83 -2.63 9.58
CAL 8XQ C . -3.47 -4.00 11.36
CAM 8XQ C . -3.23 -4.52 10.05
CAN 8XQ C . -2.40 -3.84 9.17
ZN ZN D . 7.44 -10.24 -17.24
S SO4 E . -11.33 4.95 -17.23
O1 SO4 E . -12.66 4.91 -17.83
O2 SO4 E . -11.00 3.62 -16.71
O3 SO4 E . -10.36 5.37 -18.24
O4 SO4 E . -11.30 5.91 -16.12
S SO4 F . -14.20 17.70 4.94
O1 SO4 F . -13.64 18.33 3.73
O2 SO4 F . -14.84 16.43 4.57
O3 SO4 F . -13.12 17.46 5.89
O4 SO4 F . -15.20 18.60 5.53
C1 PEG G . -3.31 -22.82 2.81
O1 PEG G . -2.18 -22.41 3.55
C2 PEG G . -3.46 -21.93 1.58
O2 PEG G . -2.22 -21.78 0.95
C3 PEG G . -1.40 -20.71 1.36
C4 PEG G . -0.44 -20.35 0.24
O4 PEG G . -0.89 -20.87 -0.99
H11 PEG G . -3.19 -23.74 2.53
H12 PEG G . -4.10 -22.75 3.36
HO1 PEG G . -1.48 -22.74 3.21
H21 PEG G . -4.09 -22.32 0.96
H22 PEG G . -3.79 -21.05 1.86
H31 PEG G . -1.96 -19.94 1.58
H32 PEG G . -0.91 -20.97 2.16
H41 PEG G . -0.36 -19.38 0.17
H42 PEG G . 0.44 -20.72 0.44
HO4 PEG G . -1.35 -20.28 -1.39
C1 PEG H . -0.41 -8.24 27.06
O1 PEG H . 0.21 -8.87 25.97
C2 PEG H . 0.23 -6.87 27.30
O2 PEG H . -0.65 -5.98 27.93
C3 PEG H . -0.11 -4.76 28.38
C4 PEG H . 0.64 -4.02 27.26
O4 PEG H . 1.22 -2.84 27.76
H11 PEG H . -1.35 -8.13 26.89
H12 PEG H . -0.28 -8.79 27.86
HO1 PEG H . -0.37 -9.34 25.55
H21 PEG H . 1.03 -6.98 27.84
H22 PEG H . 0.50 -6.50 26.44
H31 PEG H . -0.84 -4.19 28.69
H32 PEG H . 0.50 -4.92 29.11
H41 PEG H . 1.33 -4.59 26.91
H42 PEG H . 0.02 -3.79 26.55
HO4 PEG H . 1.76 -2.53 27.19
C5 PG0 I . -13.43 15.18 -1.47
O2 PG0 I . -14.33 14.18 -1.90
C4 PG0 I . -14.33 13.92 -3.28
C3 PG0 I . -14.41 12.41 -3.60
O1 PG0 I . -14.23 12.13 -4.97
C2 PG0 I . -12.92 11.78 -5.36
C1 PG0 I . -12.81 11.57 -6.88
OTT PG0 I . -11.51 11.87 -7.33
H51 PG0 I . -12.53 14.92 -1.69
H52 PG0 I . -13.51 15.29 -0.51
H53 PG0 I . -13.65 16.01 -1.91
H41 PG0 I . -15.09 14.36 -3.68
H42 PG0 I . -13.51 14.28 -3.68
H31 PG0 I . -13.72 11.95 -3.09
H32 PG0 I . -15.27 12.07 -3.31
H21 PG0 I . -12.32 12.50 -5.10
H22 PG0 I . -12.67 10.96 -4.92
H11 PG0 I . -13.02 10.65 -7.09
H12 PG0 I . -13.44 12.15 -7.33
HTT PG0 I . -11.40 11.55 -8.10
#